data_6U07
#
_entry.id   6U07
#
_cell.length_a   96.854
_cell.length_b   59.852
_cell.length_c   61.352
_cell.angle_alpha   90.000
_cell.angle_beta   110.240
_cell.angle_gamma   90.000
#
_symmetry.space_group_name_H-M   'C 1 2 1'
#
loop_
_entity.id
_entity.type
_entity.pdbx_description
1 polymer 'Stabilized T cell receptor constant domain (Calpha)'
2 polymer 'Stabilized T cell receptor constant domain (Cbeta)'
3 non-polymer 'MAGNESIUM ION'
4 water water
#
loop_
_entity_poly.entity_id
_entity_poly.type
_entity_poly.pdbx_seq_one_letter_code
_entity_poly.pdbx_strand_id
1 'polypeptide(L)'
;HHHHHHHHGSPYIQNPDPAVYQLRDSKSSDKFVCLFTDFDSQINVSQSKDSDVYITDKCVLDMRSMDFKSNSAVAWSNKS
DFTCANAFNNSIIPEDTFFPSPESSC
;
A
2 'polypeptide(L)'
;EDLKNVFPPEVAVFEPSKAEISRTQKATLVCLATGFYPPHVELSWWVNGKEVHDGVCTDPQPLKEQPALNDSRYALSSRL
RVSATFWQDPRNHFRCQVQFYGLSENDEWTQDRAKPVTQIVSAEAWGRADC
;
B
#
# COMPACT_ATOMS: atom_id res chain seq x y z
N ASN A 15 3.29 -23.32 -4.66
CA ASN A 15 4.70 -22.96 -5.01
C ASN A 15 4.85 -21.46 -5.23
N PRO A 16 6.08 -20.95 -5.12
CA PRO A 16 6.24 -19.53 -5.40
C PRO A 16 5.93 -19.19 -6.85
N ASP A 17 5.50 -17.96 -7.09
CA ASP A 17 5.13 -17.50 -8.42
C ASP A 17 5.49 -16.02 -8.50
N PRO A 18 6.80 -15.72 -8.45
CA PRO A 18 7.21 -14.31 -8.30
C PRO A 18 6.72 -13.47 -9.46
N ALA A 19 6.19 -12.29 -9.14
CA ALA A 19 5.63 -11.39 -10.13
C ALA A 19 5.67 -9.96 -9.62
N VAL A 20 5.75 -9.01 -10.54
CA VAL A 20 5.59 -7.61 -10.20
C VAL A 20 4.36 -7.11 -10.94
N TYR A 21 3.30 -6.82 -10.18
CA TYR A 21 2.03 -6.34 -10.74
C TYR A 21 1.85 -4.83 -10.55
N GLN A 22 1.18 -4.21 -11.52
CA GLN A 22 0.86 -2.79 -11.45
C GLN A 22 -0.58 -2.67 -11.00
N LEU A 23 -0.81 -1.92 -9.94
CA LEU A 23 -2.13 -1.72 -9.36
C LEU A 23 -2.50 -0.24 -9.47
N ARG A 24 -3.69 0.03 -9.99
CA ARG A 24 -4.14 1.39 -10.27
C ARG A 24 -5.03 1.93 -9.16
N ASP A 25 -4.92 3.23 -8.91
CA ASP A 25 -5.61 3.92 -7.85
C ASP A 25 -7.10 3.91 -8.17
N SER A 26 -7.92 3.55 -7.19
CA SER A 26 -9.37 3.46 -7.41
C SER A 26 -10.02 4.80 -7.77
N LYS A 27 -9.37 5.91 -7.45
CA LYS A 27 -9.92 7.26 -7.72
C LYS A 27 -9.20 8.08 -8.80
N SER A 28 -8.03 7.65 -9.22
CA SER A 28 -7.36 8.31 -10.34
C SER A 28 -6.47 7.31 -11.05
N SER A 29 -6.99 6.76 -12.14
CA SER A 29 -6.39 5.62 -12.84
C SER A 29 -4.92 5.80 -13.24
N ASP A 30 -4.48 7.05 -13.41
CA ASP A 30 -3.06 7.32 -13.75
C ASP A 30 -2.06 7.14 -12.60
N LYS A 31 -2.54 7.05 -11.37
CA LYS A 31 -1.65 6.76 -10.24
C LYS A 31 -1.61 5.26 -10.00
N PHE A 32 -0.43 4.74 -9.66
CA PHE A 32 -0.28 3.30 -9.44
C PHE A 32 0.78 2.99 -8.40
N VAL A 33 0.77 1.74 -7.97
CA VAL A 33 1.85 1.18 -7.18
C VAL A 33 2.29 -0.13 -7.84
N CYS A 34 3.47 -0.60 -7.43
CA CYS A 34 4.02 -1.84 -7.96
C CYS A 34 4.15 -2.83 -6.82
N LEU A 35 3.58 -4.01 -7.04
CA LEU A 35 3.48 -5.04 -6.03
C LEU A 35 4.34 -6.21 -6.47
N PHE A 36 5.44 -6.44 -5.76
CA PHE A 36 6.29 -7.59 -5.96
C PHE A 36 5.77 -8.62 -4.99
N THR A 37 5.33 -9.76 -5.49
CA THR A 37 4.64 -10.71 -4.66
C THR A 37 4.91 -12.17 -5.05
N ASP A 38 4.66 -13.07 -4.09
CA ASP A 38 4.70 -14.51 -4.29
C ASP A 38 6.10 -15.06 -4.58
N PHE A 39 7.11 -14.35 -4.07
CA PHE A 39 8.48 -14.81 -4.16
C PHE A 39 8.82 -15.60 -2.89
N ASP A 40 9.83 -16.46 -2.98
CA ASP A 40 10.19 -17.32 -1.86
C ASP A 40 10.91 -16.51 -0.77
N SER A 41 11.04 -17.10 0.41
CA SER A 41 11.50 -16.36 1.57
C SER A 41 13.01 -16.12 1.63
N GLN A 42 13.77 -16.70 0.70
CA GLN A 42 15.20 -16.41 0.60
C GLN A 42 15.51 -15.12 -0.16
N ILE A 43 14.53 -14.59 -0.90
CA ILE A 43 14.72 -13.34 -1.63
C ILE A 43 14.83 -12.17 -0.66
N ASN A 44 15.81 -11.30 -0.86
CA ASN A 44 15.95 -10.08 -0.07
C ASN A 44 15.47 -8.87 -0.87
N VAL A 45 14.48 -8.15 -0.36
CA VAL A 45 14.04 -6.92 -1.00
C VAL A 45 14.89 -5.80 -0.44
N SER A 46 15.64 -5.13 -1.32
CA SER A 46 16.50 -4.05 -0.87
C SER A 46 15.73 -2.76 -0.82
N GLN A 47 16.18 -1.87 0.06
CA GLN A 47 15.63 -0.54 0.17
C GLN A 47 16.02 0.24 -1.09
N SER A 48 15.26 1.28 -1.39
CA SER A 48 15.57 2.16 -2.51
C SER A 48 16.83 3.00 -2.25
N LYS A 49 17.59 3.27 -3.32
CA LYS A 49 18.77 4.12 -3.29
C LYS A 49 18.41 5.57 -3.62
N ASP A 50 17.32 5.78 -4.36
CA ASP A 50 16.80 7.12 -4.64
C ASP A 50 15.77 7.47 -3.58
N SER A 51 15.91 8.64 -2.97
CA SER A 51 15.03 9.05 -1.88
C SER A 51 13.65 9.51 -2.38
N ASP A 52 13.47 9.58 -3.69
CA ASP A 52 12.20 9.90 -4.35
C ASP A 52 11.40 8.64 -4.73
N VAL A 53 11.98 7.47 -4.48
CA VAL A 53 11.33 6.19 -4.78
C VAL A 53 11.16 5.43 -3.47
N TYR A 54 9.94 4.99 -3.17
CA TYR A 54 9.63 4.38 -1.87
C TYR A 54 9.44 2.90 -2.04
N ILE A 55 10.11 2.12 -1.21
CA ILE A 55 10.01 0.64 -1.29
C ILE A 55 9.85 0.11 0.11
N THR A 56 8.79 -0.63 0.35
CA THR A 56 8.55 -1.18 1.69
C THR A 56 9.40 -2.41 1.90
N ASP A 57 9.50 -2.82 3.16
CA ASP A 57 10.10 -4.09 3.52
C ASP A 57 9.17 -5.23 3.09
N LYS A 58 9.72 -6.42 2.95
CA LYS A 58 8.93 -7.62 2.75
C LYS A 58 7.91 -7.75 3.88
N CYS A 59 6.69 -8.14 3.54
CA CYS A 59 5.60 -8.34 4.50
C CYS A 59 5.08 -9.75 4.25
N VAL A 60 4.86 -10.53 5.31
CA VAL A 60 4.28 -11.88 5.17
C VAL A 60 2.79 -11.87 5.47
N LEU A 61 1.98 -12.21 4.47
CA LEU A 61 0.54 -12.12 4.56
C LEU A 61 -0.04 -13.54 4.64
N ASP A 62 -0.94 -13.75 5.59
CA ASP A 62 -1.52 -15.07 5.85
C ASP A 62 -3.00 -15.07 5.50
N MET A 63 -3.39 -15.89 4.54
CA MET A 63 -4.80 -16.13 4.21
C MET A 63 -5.24 -17.42 4.89
N ARG A 64 -5.62 -17.31 6.17
CA ARG A 64 -6.00 -18.48 6.99
C ARG A 64 -7.06 -19.32 6.31
N SER A 65 -8.04 -18.66 5.68
CA SER A 65 -9.12 -19.35 4.99
C SER A 65 -8.62 -20.38 3.96
N MET A 66 -7.44 -20.16 3.39
CA MET A 66 -6.84 -21.10 2.41
C MET A 66 -5.52 -21.73 2.87
N ASP A 67 -5.19 -21.56 4.16
CA ASP A 67 -3.95 -22.11 4.71
C ASP A 67 -2.74 -21.69 3.85
N PHE A 68 -2.72 -20.41 3.49
CA PHE A 68 -1.79 -19.91 2.47
C PHE A 68 -1.07 -18.66 2.97
N LYS A 69 0.25 -18.68 2.89
CA LYS A 69 1.09 -17.52 3.20
C LYS A 69 1.81 -17.04 1.94
N SER A 70 1.99 -15.73 1.82
CA SER A 70 2.70 -15.13 0.69
C SER A 70 3.48 -13.88 1.12
N ASN A 71 4.60 -13.64 0.44
CA ASN A 71 5.46 -12.49 0.70
C ASN A 71 5.14 -11.39 -0.30
N SER A 72 5.21 -10.13 0.12
CA SER A 72 5.13 -9.02 -0.82
C SER A 72 5.92 -7.80 -0.37
N ALA A 73 6.20 -6.94 -1.35
CA ALA A 73 6.76 -5.63 -1.08
C ALA A 73 6.10 -4.66 -2.04
N VAL A 74 5.95 -3.41 -1.63
CA VAL A 74 5.27 -2.39 -2.44
C VAL A 74 6.22 -1.26 -2.79
N ALA A 75 6.13 -0.78 -4.03
CA ALA A 75 6.99 0.33 -4.47
C ALA A 75 6.15 1.35 -5.19
N TRP A 76 6.45 2.62 -4.97
CA TRP A 76 5.80 3.69 -5.69
C TRP A 76 6.70 4.91 -5.72
N SER A 77 6.36 5.85 -6.59
CA SER A 77 7.13 7.08 -6.78
C SER A 77 6.29 8.09 -7.54
N ASN A 78 6.58 9.37 -7.35
CA ASN A 78 6.01 10.40 -8.23
C ASN A 78 6.87 10.69 -9.45
N LYS A 79 8.05 10.08 -9.54
CA LYS A 79 8.92 10.33 -10.68
C LYS A 79 8.33 9.75 -11.97
N SER A 80 8.38 10.51 -13.06
CA SER A 80 7.81 10.05 -14.31
C SER A 80 8.56 8.85 -14.88
N ASP A 81 9.85 8.69 -14.56
CA ASP A 81 10.63 7.54 -15.08
C ASP A 81 10.43 6.23 -14.31
N PHE A 82 9.72 6.28 -13.18
CA PHE A 82 9.41 5.08 -12.40
C PHE A 82 8.40 4.18 -13.10
N THR A 83 8.75 2.91 -13.24
CA THR A 83 7.83 1.91 -13.81
C THR A 83 7.90 0.65 -12.99
N CYS A 84 6.95 -0.27 -13.19
CA CYS A 84 7.02 -1.52 -12.43
C CYS A 84 8.24 -2.36 -12.88
N ALA A 85 8.66 -2.18 -14.13
CA ALA A 85 9.84 -2.84 -14.64
C ALA A 85 11.12 -2.42 -13.95
N ASN A 86 11.26 -1.15 -13.53
CA ASN A 86 12.49 -0.71 -12.85
C ASN A 86 12.41 -0.55 -11.32
N ALA A 87 11.21 -0.65 -10.78
CA ALA A 87 10.94 -0.40 -9.36
C ALA A 87 11.87 -1.16 -8.43
N PHE A 88 11.98 -2.47 -8.66
CA PHE A 88 12.78 -3.34 -7.80
C PHE A 88 14.19 -3.63 -8.32
N ASN A 89 14.71 -2.78 -9.20
CA ASN A 89 16.03 -2.96 -9.79
C ASN A 89 17.19 -3.12 -8.82
N ASN A 90 17.09 -2.46 -7.67
N ASN A 90 17.10 -2.47 -7.67
CA ASN A 90 18.13 -2.52 -6.64
CA ASN A 90 18.16 -2.56 -6.67
C ASN A 90 18.21 -3.89 -5.95
C ASN A 90 18.18 -3.87 -5.90
N SER A 91 17.19 -4.72 -6.12
CA SER A 91 17.14 -6.04 -5.52
C SER A 91 17.61 -7.13 -6.47
N ILE A 92 18.11 -8.22 -5.90
CA ILE A 92 18.35 -9.44 -6.62
C ILE A 92 17.05 -10.23 -6.53
N ILE A 93 16.36 -10.39 -7.66
CA ILE A 93 15.09 -11.12 -7.70
C ILE A 93 15.14 -12.27 -8.71
N PRO A 94 14.16 -13.18 -8.68
CA PRO A 94 14.25 -14.34 -9.57
C PRO A 94 14.23 -14.02 -11.08
N GLU A 95 14.96 -14.78 -11.88
CA GLU A 95 14.95 -14.59 -13.32
C GLU A 95 13.60 -14.95 -13.93
N ASP A 96 12.82 -15.78 -13.25
CA ASP A 96 11.50 -16.13 -13.77
C ASP A 96 10.37 -15.22 -13.26
N THR A 97 10.71 -14.10 -12.65
CA THR A 97 9.71 -13.10 -12.21
C THR A 97 8.88 -12.66 -13.40
N PHE A 98 7.56 -12.66 -13.20
CA PHE A 98 6.61 -12.29 -14.23
C PHE A 98 6.32 -10.79 -14.19
N PHE A 99 6.50 -10.12 -15.32
CA PHE A 99 6.18 -8.70 -15.47
C PHE A 99 5.10 -8.53 -16.51
N PRO A 100 3.83 -8.55 -16.10
CA PRO A 100 2.76 -8.43 -17.09
C PRO A 100 2.80 -7.09 -17.83
N SER A 101 2.56 -7.09 -19.14
CA SER A 101 2.39 -5.82 -19.86
C SER A 101 1.11 -5.14 -19.34
N PRO A 102 1.15 -3.80 -19.13
CA PRO A 102 -0.01 -3.12 -18.54
C PRO A 102 -1.06 -2.71 -19.58
N ASP B 2 6.03 26.35 14.20
CA ASP B 2 5.59 25.86 15.54
C ASP B 2 4.90 24.48 15.43
N LEU B 3 3.59 24.45 15.19
CA LEU B 3 2.84 23.20 14.95
C LEU B 3 2.58 22.95 13.46
N LYS B 4 3.14 23.80 12.61
CA LYS B 4 2.87 23.70 11.18
C LYS B 4 3.56 22.53 10.46
N ASN B 5 4.34 21.72 11.18
CA ASN B 5 4.92 20.49 10.59
C ASN B 5 4.02 19.25 10.74
N VAL B 6 2.81 19.44 11.26
CA VAL B 6 1.85 18.36 11.44
C VAL B 6 0.93 18.26 10.24
N PHE B 7 0.86 17.05 9.68
CA PHE B 7 0.07 16.80 8.47
C PHE B 7 -0.73 15.51 8.62
N PRO B 8 -1.98 15.51 8.17
CA PRO B 8 -2.68 14.25 8.22
C PRO B 8 -2.37 13.41 6.99
N PRO B 9 -2.73 12.12 7.02
CA PRO B 9 -2.47 11.31 5.85
C PRO B 9 -3.44 11.56 4.71
N GLU B 10 -2.94 11.45 3.49
CA GLU B 10 -3.80 11.17 2.34
C GLU B 10 -3.78 9.67 2.16
N VAL B 11 -4.92 9.11 1.79
CA VAL B 11 -5.10 7.66 1.72
C VAL B 11 -5.68 7.29 0.36
N ALA B 12 -5.15 6.21 -0.22
CA ALA B 12 -5.62 5.71 -1.52
C ALA B 12 -5.61 4.20 -1.55
N VAL B 13 -6.60 3.61 -2.21
CA VAL B 13 -6.66 2.17 -2.43
C VAL B 13 -6.33 1.89 -3.89
N PHE B 14 -5.44 0.92 -4.09
CA PHE B 14 -5.03 0.45 -5.41
C PHE B 14 -5.63 -0.93 -5.67
N GLU B 15 -6.30 -1.05 -6.80
CA GLU B 15 -7.12 -2.21 -7.11
C GLU B 15 -6.26 -3.33 -7.67
N PRO B 16 -6.66 -4.58 -7.41
CA PRO B 16 -5.97 -5.76 -7.92
C PRO B 16 -5.82 -5.74 -9.44
N SER B 17 -4.69 -6.23 -9.93
CA SER B 17 -4.46 -6.28 -11.35
C SER B 17 -5.14 -7.51 -11.96
N LYS B 18 -5.66 -7.36 -13.17
CA LYS B 18 -6.20 -8.48 -13.93
C LYS B 18 -5.15 -9.59 -14.08
N ALA B 19 -3.90 -9.19 -14.30
CA ALA B 19 -2.81 -10.17 -14.45
C ALA B 19 -2.71 -11.10 -13.25
N GLU B 20 -2.78 -10.54 -12.05
CA GLU B 20 -2.70 -11.35 -10.83
C GLU B 20 -3.89 -12.28 -10.67
N ILE B 21 -5.07 -11.75 -10.95
CA ILE B 21 -6.30 -12.52 -10.83
C ILE B 21 -6.23 -13.72 -11.76
N SER B 22 -5.90 -13.45 -13.02
CA SER B 22 -5.77 -14.48 -14.05
C SER B 22 -4.72 -15.55 -13.70
N ARG B 23 -3.59 -15.12 -13.17
CA ARG B 23 -2.46 -16.05 -12.96
C ARG B 23 -2.55 -16.82 -11.67
N THR B 24 -3.09 -16.20 -10.64
CA THR B 24 -3.07 -16.79 -9.29
C THR B 24 -4.44 -17.11 -8.70
N GLN B 25 -5.51 -16.63 -9.33
CA GLN B 25 -6.87 -16.69 -8.76
C GLN B 25 -7.00 -16.02 -7.40
N LYS B 26 -6.11 -15.07 -7.14
CA LYS B 26 -6.15 -14.25 -5.96
C LYS B 26 -6.08 -12.81 -6.40
N ALA B 27 -6.40 -11.91 -5.47
CA ALA B 27 -6.50 -10.48 -5.74
C ALA B 27 -6.00 -9.70 -4.55
N THR B 28 -4.96 -8.92 -4.76
CA THR B 28 -4.34 -8.13 -3.69
C THR B 28 -4.71 -6.66 -3.86
N LEU B 29 -5.34 -6.11 -2.84
CA LEU B 29 -5.58 -4.67 -2.75
C LEU B 29 -4.45 -4.08 -1.96
N VAL B 30 -4.05 -2.87 -2.31
CA VAL B 30 -3.04 -2.16 -1.56
C VAL B 30 -3.57 -0.81 -1.12
N CYS B 31 -3.32 -0.47 0.14
CA CYS B 31 -3.65 0.84 0.69
C CYS B 31 -2.35 1.56 0.97
N LEU B 32 -2.27 2.82 0.57
CA LEU B 32 -1.15 3.68 0.91
C LEU B 32 -1.65 4.88 1.68
N ALA B 33 -1.06 5.11 2.84
CA ALA B 33 -1.21 6.34 3.60
C ALA B 33 0.06 7.16 3.42
N THR B 34 -0.08 8.41 2.98
CA THR B 34 1.11 9.22 2.65
C THR B 34 1.03 10.63 3.24
N GLY B 35 2.19 11.22 3.40
CA GLY B 35 2.34 12.61 3.73
C GLY B 35 2.00 13.02 5.15
N PHE B 36 2.02 12.07 6.08
CA PHE B 36 1.61 12.36 7.46
C PHE B 36 2.77 12.62 8.42
N TYR B 37 2.51 13.46 9.41
CA TYR B 37 3.41 13.70 10.51
C TYR B 37 2.59 14.21 11.69
N PRO B 38 2.83 13.70 12.92
CA PRO B 38 3.80 12.70 13.34
C PRO B 38 3.43 11.30 12.85
N PRO B 39 4.38 10.37 12.90
CA PRO B 39 4.17 8.99 12.46
C PRO B 39 3.35 8.15 13.44
N HIS B 40 2.13 8.60 13.69
CA HIS B 40 1.24 7.96 14.64
C HIS B 40 -0.11 7.75 13.99
N VAL B 41 -0.26 6.56 13.40
CA VAL B 41 -1.48 6.18 12.71
C VAL B 41 -1.82 4.74 13.06
N GLU B 42 -3.09 4.40 12.85
CA GLU B 42 -3.55 3.01 12.95
C GLU B 42 -4.35 2.73 11.68
N LEU B 43 -3.90 1.73 10.92
CA LEU B 43 -4.55 1.38 9.66
C LEU B 43 -5.35 0.11 9.83
N SER B 44 -6.56 0.08 9.30
CA SER B 44 -7.41 -1.11 9.35
C SER B 44 -8.16 -1.27 8.05
N TRP B 45 -8.52 -2.51 7.74
CA TRP B 45 -9.35 -2.83 6.58
C TRP B 45 -10.77 -3.19 6.98
N TRP B 46 -11.73 -2.66 6.21
CA TRP B 46 -13.15 -2.88 6.41
C TRP B 46 -13.80 -3.42 5.15
N VAL B 47 -14.43 -4.58 5.29
CA VAL B 47 -15.09 -5.21 4.16
C VAL B 47 -16.58 -5.33 4.50
N ASN B 48 -17.41 -4.71 3.69
CA ASN B 48 -18.86 -4.65 3.92
C ASN B 48 -19.20 -4.19 5.36
N GLY B 49 -18.54 -3.12 5.79
CA GLY B 49 -18.77 -2.53 7.12
C GLY B 49 -18.24 -3.30 8.33
N LYS B 50 -17.47 -4.35 8.11
CA LYS B 50 -16.88 -5.12 9.21
C LYS B 50 -15.38 -5.14 9.08
N GLU B 51 -14.67 -4.92 10.20
CA GLU B 51 -13.22 -4.96 10.18
C GLU B 51 -12.70 -6.37 9.95
N VAL B 52 -11.70 -6.49 9.08
CA VAL B 52 -11.09 -7.79 8.77
C VAL B 52 -9.63 -7.84 9.20
N HIS B 53 -9.17 -9.04 9.56
CA HIS B 53 -7.76 -9.25 9.92
C HIS B 53 -7.11 -10.36 9.10
N ASP B 54 -7.90 -11.30 8.62
CA ASP B 54 -7.40 -12.35 7.77
C ASP B 54 -7.02 -11.79 6.40
N GLY B 55 -5.90 -12.25 5.89
CA GLY B 55 -5.40 -11.84 4.58
C GLY B 55 -4.82 -10.43 4.54
N VAL B 56 -4.60 -9.83 5.71
CA VAL B 56 -4.04 -8.48 5.82
C VAL B 56 -2.57 -8.51 6.24
N CYS B 57 -1.73 -7.70 5.61
CA CYS B 57 -0.39 -7.44 6.12
C CYS B 57 -0.10 -5.94 6.00
N THR B 58 0.16 -5.31 7.14
CA THR B 58 0.49 -3.90 7.18
C THR B 58 1.94 -3.75 7.61
N ASP B 59 2.63 -2.79 7.00
CA ASP B 59 4.03 -2.54 7.33
C ASP B 59 4.14 -2.34 8.84
N PRO B 60 5.15 -2.95 9.48
CA PRO B 60 5.35 -2.76 10.92
C PRO B 60 5.70 -1.34 11.31
N GLN B 61 6.41 -0.65 10.42
CA GLN B 61 6.90 0.72 10.64
C GLN B 61 6.54 1.60 9.46
N PRO B 62 6.11 2.86 9.71
CA PRO B 62 6.03 3.80 8.59
C PRO B 62 7.41 4.14 8.03
N LEU B 63 7.50 4.54 6.76
CA LEU B 63 8.78 4.98 6.18
C LEU B 63 8.79 6.49 6.00
N LYS B 64 9.97 7.08 6.15
CA LYS B 64 10.17 8.52 5.93
C LYS B 64 10.23 8.77 4.45
N GLU B 65 9.49 9.77 3.99
CA GLU B 65 9.52 10.16 2.59
C GLU B 65 10.76 11.00 2.26
N GLN B 66 11.33 11.66 3.27
CA GLN B 66 12.58 12.41 3.11
C GLN B 66 13.54 12.02 4.23
N PRO B 67 14.21 10.86 4.10
CA PRO B 67 14.97 10.30 5.22
C PRO B 67 16.07 11.20 5.80
N ALA B 68 16.50 12.22 5.05
CA ALA B 68 17.46 13.20 5.56
C ALA B 68 16.84 14.15 6.57
N LEU B 69 15.57 14.51 6.37
CA LEU B 69 14.86 15.46 7.25
C LEU B 69 14.52 14.85 8.60
N ASN B 70 14.59 15.69 9.63
CA ASN B 70 14.32 15.27 11.01
C ASN B 70 12.84 14.98 11.28
N ASP B 71 11.98 15.87 10.79
CA ASP B 71 10.53 15.72 10.92
C ASP B 71 9.93 15.48 9.53
N SER B 72 10.58 14.60 8.78
CA SER B 72 10.08 14.15 7.50
C SER B 72 8.64 13.69 7.65
N ARG B 73 7.84 13.90 6.61
CA ARG B 73 6.53 13.26 6.56
C ARG B 73 6.71 11.78 6.23
N TYR B 74 5.66 10.99 6.45
CA TYR B 74 5.78 9.56 6.43
C TYR B 74 4.75 8.91 5.53
N ALA B 75 5.02 7.66 5.19
CA ALA B 75 4.06 6.83 4.49
C ALA B 75 3.95 5.45 5.15
N LEU B 76 2.83 4.77 4.87
CA LEU B 76 2.57 3.44 5.37
C LEU B 76 1.77 2.70 4.32
N SER B 77 2.07 1.42 4.12
CA SER B 77 1.32 0.60 3.18
C SER B 77 0.75 -0.61 3.86
N SER B 78 -0.31 -1.15 3.26
CA SER B 78 -0.91 -2.38 3.73
C SER B 78 -1.46 -3.12 2.54
N ARG B 79 -1.55 -4.44 2.65
CA ARG B 79 -2.16 -5.25 1.63
C ARG B 79 -3.27 -6.06 2.26
N LEU B 80 -4.31 -6.27 1.48
CA LEU B 80 -5.39 -7.18 1.79
C LEU B 80 -5.52 -8.08 0.60
N ARG B 81 -5.39 -9.39 0.82
CA ARG B 81 -5.49 -10.34 -0.27
C ARG B 81 -6.70 -11.23 -0.06
N VAL B 82 -7.49 -11.35 -1.10
CA VAL B 82 -8.73 -12.11 -1.09
C VAL B 82 -8.76 -13.00 -2.33
N SER B 83 -9.78 -13.85 -2.42
CA SER B 83 -9.91 -14.71 -3.59
C SER B 83 -10.32 -13.85 -4.77
N ALA B 84 -10.02 -14.32 -5.99
CA ALA B 84 -10.43 -13.60 -7.19
C ALA B 84 -11.95 -13.44 -7.28
N THR B 85 -12.68 -14.45 -6.85
CA THR B 85 -14.15 -14.38 -6.95
C THR B 85 -14.68 -13.36 -5.95
N PHE B 86 -14.07 -13.31 -4.77
CA PHE B 86 -14.49 -12.34 -3.74
C PHE B 86 -14.26 -10.90 -4.24
N TRP B 87 -13.12 -10.65 -4.86
CA TRP B 87 -12.86 -9.31 -5.40
C TRP B 87 -13.78 -8.98 -6.56
N GLN B 88 -14.11 -9.97 -7.37
CA GLN B 88 -14.87 -9.74 -8.58
C GLN B 88 -16.39 -9.60 -8.34
N ASP B 89 -16.84 -9.91 -7.13
CA ASP B 89 -18.24 -9.77 -6.72
C ASP B 89 -18.58 -8.28 -6.52
N PRO B 90 -19.46 -7.73 -7.37
CA PRO B 90 -19.81 -6.32 -7.29
C PRO B 90 -20.57 -5.90 -6.02
N ARG B 91 -20.95 -6.87 -5.19
CA ARG B 91 -21.56 -6.58 -3.89
C ARG B 91 -20.54 -6.31 -2.77
N ASN B 92 -19.26 -6.59 -3.02
CA ASN B 92 -18.25 -6.39 -1.97
C ASN B 92 -17.63 -4.99 -2.00
N HIS B 93 -17.68 -4.34 -0.83
CA HIS B 93 -17.16 -2.99 -0.67
C HIS B 93 -15.94 -3.06 0.24
N PHE B 94 -14.82 -2.52 -0.24
CA PHE B 94 -13.54 -2.57 0.48
C PHE B 94 -13.12 -1.16 0.90
N ARG B 95 -12.74 -1.00 2.17
CA ARG B 95 -12.30 0.29 2.67
C ARG B 95 -11.05 0.17 3.53
N CYS B 96 -10.08 1.01 3.22
CA CYS B 96 -8.88 1.17 4.03
C CYS B 96 -9.08 2.40 4.92
N GLN B 97 -8.95 2.21 6.23
CA GLN B 97 -9.16 3.26 7.20
C GLN B 97 -7.88 3.60 7.94
N VAL B 98 -7.54 4.89 8.00
CA VAL B 98 -6.36 5.34 8.74
C VAL B 98 -6.76 6.34 9.82
N GLN B 99 -6.55 5.96 11.06
CA GLN B 99 -6.74 6.84 12.20
C GLN B 99 -5.45 7.60 12.41
N PHE B 100 -5.53 8.92 12.39
CA PHE B 100 -4.39 9.80 12.58
C PHE B 100 -4.55 10.48 13.91
N TYR B 101 -3.46 10.60 14.65
CA TYR B 101 -3.46 11.28 15.95
C TYR B 101 -2.65 12.55 15.83
N GLY B 102 -3.36 13.68 15.78
CA GLY B 102 -2.76 14.97 15.49
C GLY B 102 -3.12 16.01 16.51
N LEU B 103 -3.58 17.16 16.03
CA LEU B 103 -3.89 18.28 16.93
C LEU B 103 -5.25 18.10 17.63
N SER B 104 -5.42 18.81 18.73
CA SER B 104 -6.71 18.88 19.43
C SER B 104 -7.45 20.16 19.04
N GLU B 105 -8.67 20.33 19.54
CA GLU B 105 -9.44 21.57 19.33
C GLU B 105 -8.80 22.77 20.01
N ASN B 106 -8.11 22.53 21.12
CA ASN B 106 -7.40 23.59 21.84
C ASN B 106 -6.34 24.30 21.01
N ASP B 107 -5.66 23.55 20.14
CA ASP B 107 -4.48 24.06 19.44
C ASP B 107 -4.78 25.26 18.54
N GLU B 108 -3.90 26.24 18.57
CA GLU B 108 -3.99 27.41 17.69
C GLU B 108 -3.57 27.01 16.29
N TRP B 109 -4.11 27.71 15.29
CA TRP B 109 -3.82 27.39 13.91
C TRP B 109 -4.08 28.59 13.03
N THR B 110 -3.05 29.06 12.32
CA THR B 110 -3.21 30.21 11.42
C THR B 110 -2.68 29.94 10.02
N GLN B 111 -2.48 28.67 9.71
CA GLN B 111 -2.06 28.26 8.38
C GLN B 111 -3.27 28.25 7.46
N ASP B 112 -3.03 28.36 6.16
CA ASP B 112 -4.11 28.42 5.22
C ASP B 112 -4.80 27.05 5.01
N ARG B 113 -4.06 25.96 5.17
CA ARG B 113 -4.66 24.61 5.12
C ARG B 113 -5.50 24.26 6.37
N ALA B 114 -6.38 23.26 6.22
CA ALA B 114 -7.22 22.81 7.32
C ALA B 114 -6.37 22.35 8.51
N LYS B 115 -6.93 22.51 9.70
CA LYS B 115 -6.23 22.24 10.93
C LYS B 115 -6.02 20.72 11.04
N PRO B 116 -4.76 20.27 11.14
CA PRO B 116 -4.50 18.81 11.09
C PRO B 116 -4.86 18.09 12.38
N VAL B 117 -6.15 18.00 12.65
CA VAL B 117 -6.65 17.43 13.90
C VAL B 117 -6.68 15.92 13.82
N THR B 118 -6.72 15.28 14.99
CA THR B 118 -6.99 13.86 15.08
C THR B 118 -8.24 13.55 14.29
N GLN B 119 -8.15 12.53 13.44
CA GLN B 119 -9.20 12.23 12.49
C GLN B 119 -8.93 10.90 11.80
N ILE B 120 -9.96 10.41 11.14
CA ILE B 120 -9.88 9.22 10.29
C ILE B 120 -9.94 9.63 8.83
N VAL B 121 -8.99 9.15 8.03
CA VAL B 121 -9.02 9.35 6.57
C VAL B 121 -9.14 7.97 5.93
N SER B 122 -10.04 7.82 4.97
CA SER B 122 -10.36 6.53 4.37
C SER B 122 -10.30 6.61 2.86
N ALA B 123 -10.13 5.45 2.22
CA ALA B 123 -10.29 5.34 0.79
C ALA B 123 -10.98 4.02 0.54
N GLU B 124 -11.63 3.89 -0.61
CA GLU B 124 -12.54 2.78 -0.86
C GLU B 124 -12.45 2.27 -2.29
N ALA B 125 -12.87 1.01 -2.48
CA ALA B 125 -13.06 0.45 -3.81
C ALA B 125 -14.15 -0.60 -3.75
N TRP B 126 -14.95 -0.67 -4.80
CA TRP B 126 -15.95 -1.72 -4.92
C TRP B 126 -15.41 -2.82 -5.80
N GLY B 127 -15.68 -4.06 -5.43
CA GLY B 127 -15.41 -5.19 -6.32
C GLY B 127 -16.06 -5.08 -7.69
N ARG B 128 -15.43 -5.68 -8.70
CA ARG B 128 -16.01 -5.76 -10.05
C ARG B 128 -15.32 -6.82 -10.88
N ALA B 129 -16.00 -7.29 -11.93
CA ALA B 129 -15.38 -8.13 -12.95
C ALA B 129 -14.14 -7.43 -13.54
N ASP B 130 -13.08 -8.18 -13.79
CA ASP B 130 -11.86 -7.58 -14.39
C ASP B 130 -12.00 -7.42 -15.89
#